data_5JM1
#
_entry.id   5JM1
#
_cell.length_a   58.490
_cell.length_b   81.580
_cell.length_c   63.000
_cell.angle_alpha   90.00
_cell.angle_beta   107.65
_cell.angle_gamma   90.00
#
_symmetry.space_group_name_H-M   'P 1 21 1'
#
loop_
_entity.id
_entity.type
_entity.pdbx_description
1 polymer 'Agglutinin alpha chain'
2 polymer 'Agglutinin beta-3 chain'
3 branched alpha-D-galactopyranose-(1-3)-beta-D-galactopyranose-(1-4)-beta-D-galactopyranose
4 non-polymer 1,2-ETHANEDIOL
5 non-polymer DI(HYDROXYETHYL)ETHER
6 non-polymer 'methyl alpha-D-galactopyranoside'
7 water water
#
loop_
_entity_poly.entity_id
_entity_poly.type
_entity_poly.pdbx_seq_one_letter_code
_entity_poly.pdbx_strand_id
1 'polypeptide(L)'
;GKAFDDGAFTGIREINLSYNKETAIGDFQVVYDLNGSPYVGQNHKSFITGFTPVKISLDFPSEYIMEVSGYTGNVSGYVV
VRSLTFKTNKKTYGPYGVTSGTPFNLPIENGLIVGFKGSIGYWLDYFSMYLSL
;
A,C,E,G
2 'polypeptide(L)' EQSGISQTVIVGPWGAKVS B,D,F,H
#
# COMPACT_ATOMS: atom_id res chain seq x y z
N GLY A 1 6.50 -13.18 28.96
CA GLY A 1 7.63 -12.24 28.74
C GLY A 1 7.18 -10.82 28.50
N LYS A 2 8.13 -9.94 28.18
CA LYS A 2 7.79 -8.53 27.99
C LYS A 2 7.52 -8.31 26.50
N ALA A 3 6.33 -7.80 26.19
CA ALA A 3 5.90 -7.46 24.84
C ALA A 3 6.81 -6.34 24.30
N PHE A 4 7.23 -6.46 23.04
CA PHE A 4 7.69 -5.30 22.30
C PHE A 4 6.99 -5.09 20.94
N ASP A 5 7.13 -3.87 20.40
CA ASP A 5 6.61 -3.57 19.08
C ASP A 5 7.42 -2.43 18.52
N ASP A 6 8.36 -2.72 17.60
CA ASP A 6 9.28 -1.67 17.17
C ASP A 6 8.53 -0.70 16.28
N GLY A 7 7.43 -1.18 15.68
CA GLY A 7 6.72 -0.39 14.61
C GLY A 7 7.24 -0.72 13.22
N ALA A 8 6.86 0.11 12.23
CA ALA A 8 7.26 -0.01 10.84
C ALA A 8 8.24 1.08 10.46
N PHE A 9 9.14 0.72 9.54
CA PHE A 9 10.21 1.57 9.06
C PHE A 9 10.31 1.40 7.55
N THR A 10 11.47 1.66 6.98
CA THR A 10 11.63 1.75 5.55
C THR A 10 12.34 0.51 5.05
N GLY A 11 12.99 -0.25 5.95
CA GLY A 11 13.84 -1.35 5.51
C GLY A 11 14.67 -1.86 6.70
N ILE A 12 15.58 -2.79 6.49
CA ILE A 12 16.42 -3.36 7.57
C ILE A 12 17.91 -3.29 7.23
N ARG A 13 18.72 -2.79 8.18
CA ARG A 13 20.13 -2.68 7.99
C ARG A 13 20.89 -3.80 8.68
N GLU A 14 20.43 -4.16 9.87
CA GLU A 14 21.14 -5.13 10.66
C GLU A 14 20.28 -5.79 11.72
N ILE A 15 20.51 -7.08 11.91
CA ILE A 15 19.78 -7.76 13.01
C ILE A 15 20.80 -8.30 14.00
N ASN A 16 20.57 -8.03 15.28
CA ASN A 16 21.43 -8.50 16.35
C ASN A 16 20.63 -9.36 17.28
N LEU A 17 20.92 -10.66 17.28
CA LEU A 17 20.21 -11.59 18.15
C LEU A 17 21.17 -12.49 18.95
N SER A 18 20.63 -13.15 19.95
CA SER A 18 21.34 -14.17 20.68
C SER A 18 20.53 -15.47 20.75
N TYR A 19 21.23 -16.59 20.94
CA TYR A 19 20.61 -17.91 20.87
C TYR A 19 21.50 -18.84 21.69
N ASN A 20 20.91 -19.96 22.08
CA ASN A 20 21.60 -21.03 22.79
C ASN A 20 21.34 -22.32 21.96
N LYS A 21 22.43 -23.06 21.70
CA LYS A 21 22.34 -24.22 20.84
C LYS A 21 21.65 -25.42 21.54
N GLU A 22 21.15 -25.23 22.76
CA GLU A 22 20.35 -26.31 23.33
C GLU A 22 18.94 -25.88 23.68
N THR A 23 18.61 -24.60 23.52
CA THR A 23 17.25 -24.11 23.97
C THR A 23 16.50 -23.33 22.91
N ALA A 24 16.83 -22.03 22.77
CA ALA A 24 15.98 -21.10 21.99
C ALA A 24 16.64 -19.75 21.60
N ILE A 25 15.86 -18.88 20.93
CA ILE A 25 16.28 -17.53 20.68
C ILE A 25 16.11 -16.78 21.98
N GLY A 26 17.12 -15.97 22.26
CA GLY A 26 17.17 -15.10 23.44
C GLY A 26 16.89 -13.65 23.10
N ASP A 27 17.95 -12.88 22.96
CA ASP A 27 17.85 -11.47 22.75
C ASP A 27 17.48 -11.15 21.26
N PHE A 28 16.86 -10.01 21.05
CA PHE A 28 16.49 -9.66 19.68
C PHE A 28 16.48 -8.13 19.56
N GLN A 29 17.24 -7.58 18.58
CA GLN A 29 17.35 -6.15 18.35
C GLN A 29 17.53 -5.90 16.87
N VAL A 30 17.00 -4.81 16.34
CA VAL A 30 17.12 -4.56 14.90
C VAL A 30 17.55 -3.11 14.64
N VAL A 31 18.55 -2.92 13.78
CA VAL A 31 18.81 -1.61 13.21
C VAL A 31 17.98 -1.49 11.89
N TYR A 32 16.85 -0.76 11.93
CA TYR A 32 16.09 -0.51 10.70
C TYR A 32 16.70 0.59 9.84
N ASP A 33 16.23 0.67 8.60
CA ASP A 33 16.28 1.94 7.92
C ASP A 33 15.06 2.81 8.12
N LEU A 34 15.28 4.14 8.19
CA LEU A 34 14.17 5.08 8.21
C LEU A 34 14.49 6.22 7.27
N ASN A 35 13.81 6.21 6.14
CA ASN A 35 14.15 7.17 5.09
C ASN A 35 15.63 7.45 4.92
N GLY A 36 16.44 6.40 4.87
CA GLY A 36 17.85 6.53 4.58
C GLY A 36 18.75 6.69 5.79
N SER A 37 18.20 6.93 6.99
CA SER A 37 19.01 6.88 8.21
C SER A 37 18.87 5.59 8.99
N PRO A 38 19.97 5.14 9.61
CA PRO A 38 19.87 3.94 10.49
C PRO A 38 18.95 4.25 11.66
N TYR A 39 18.04 3.35 12.00
CA TYR A 39 17.18 3.59 13.15
C TYR A 39 17.48 2.48 14.10
N VAL A 40 18.13 2.83 15.19
CA VAL A 40 18.55 1.84 16.18
C VAL A 40 17.39 1.46 17.02
N GLY A 41 16.78 0.32 16.70
CA GLY A 41 15.67 -0.22 17.52
C GLY A 41 16.14 -0.62 18.91
N GLN A 42 15.24 -0.61 19.90
CA GLN A 42 15.59 -1.01 21.30
C GLN A 42 16.03 -2.45 21.41
N ASN A 43 16.94 -2.74 22.37
CA ASN A 43 17.42 -4.11 22.55
C ASN A 43 16.45 -4.93 23.40
N HIS A 44 15.75 -5.89 22.79
CA HIS A 44 14.72 -6.64 23.50
C HIS A 44 15.40 -7.84 24.11
N LYS A 45 15.62 -7.76 25.40
CA LYS A 45 16.54 -8.68 26.14
C LYS A 45 15.88 -9.91 26.80
N SER A 46 16.49 -11.07 26.73
CA SER A 46 15.98 -12.21 27.51
C SER A 46 16.12 -11.90 29.01
N PHE A 47 15.23 -12.45 29.86
CA PHE A 47 15.39 -12.34 31.37
C PHE A 47 16.68 -13.00 31.93
N ILE A 48 17.27 -13.89 31.13
CA ILE A 48 18.34 -14.76 31.59
C ILE A 48 19.56 -14.50 30.71
N THR A 49 20.73 -14.98 31.14
CA THR A 49 21.98 -14.90 30.32
C THR A 49 22.44 -16.28 29.81
N GLY A 50 23.58 -16.32 29.13
CA GLY A 50 24.20 -17.59 28.64
C GLY A 50 24.01 -17.79 27.13
N PHE A 51 23.61 -16.74 26.42
CA PHE A 51 23.34 -16.90 24.97
C PHE A 51 24.59 -16.47 24.18
N THR A 52 24.60 -16.73 22.86
CA THR A 52 25.70 -16.41 21.98
C THR A 52 25.16 -15.38 21.01
N PRO A 53 25.86 -14.22 20.91
CA PRO A 53 25.36 -13.14 20.07
C PRO A 53 25.81 -13.33 18.66
N VAL A 54 25.01 -12.82 17.74
CA VAL A 54 25.34 -12.85 16.33
C VAL A 54 24.86 -11.54 15.73
N LYS A 55 25.69 -11.02 14.84
CA LYS A 55 25.40 -9.79 14.14
C LYS A 55 25.19 -10.07 12.63
N ILE A 56 23.96 -9.80 12.20
CA ILE A 56 23.58 -10.00 10.82
C ILE A 56 23.62 -8.58 10.18
N SER A 57 24.74 -8.27 9.52
CA SER A 57 24.91 -6.94 8.96
C SER A 57 24.58 -7.06 7.50
N LEU A 58 23.48 -6.49 7.12
CA LEU A 58 23.03 -6.62 5.73
C LEU A 58 23.64 -5.52 4.87
N ASP A 59 23.87 -5.78 3.58
CA ASP A 59 24.36 -4.75 2.68
C ASP A 59 23.16 -3.93 2.11
N PHE A 60 22.50 -3.19 3.01
CA PHE A 60 21.35 -2.38 2.62
C PHE A 60 21.82 -1.26 1.71
N PRO A 61 21.06 -0.87 0.69
CA PRO A 61 19.73 -1.40 0.25
C PRO A 61 19.76 -2.56 -0.78
N SER A 62 20.93 -2.98 -1.27
CA SER A 62 20.88 -3.99 -2.37
C SER A 62 20.52 -5.38 -1.84
N GLU A 63 20.93 -5.64 -0.59
CA GLU A 63 20.61 -6.86 0.18
C GLU A 63 19.37 -6.74 1.10
N TYR A 64 18.44 -7.69 1.00
CA TYR A 64 17.19 -7.69 1.79
C TYR A 64 16.67 -9.13 1.95
N ILE A 65 15.91 -9.30 3.04
CA ILE A 65 15.42 -10.60 3.43
C ILE A 65 14.33 -11.05 2.47
N MET A 66 14.45 -12.30 2.00
CA MET A 66 13.48 -13.03 1.17
C MET A 66 12.65 -14.10 1.94
N GLU A 67 13.21 -14.68 2.99
CA GLU A 67 12.48 -15.64 3.77
C GLU A 67 12.91 -15.60 5.21
N VAL A 68 11.94 -15.54 6.11
CA VAL A 68 12.21 -15.83 7.52
C VAL A 68 11.62 -17.20 7.85
N SER A 69 12.40 -18.06 8.46
CA SER A 69 11.90 -19.38 8.83
C SER A 69 12.56 -19.79 10.13
N GLY A 70 12.03 -20.86 10.74
CA GLY A 70 12.53 -21.27 12.05
C GLY A 70 11.65 -22.36 12.61
N TYR A 71 11.76 -22.57 13.92
CA TYR A 71 11.01 -23.63 14.57
C TYR A 71 10.44 -23.08 15.85
N THR A 72 9.22 -23.50 16.18
CA THR A 72 8.67 -23.22 17.47
C THR A 72 8.47 -24.53 18.22
N GLY A 73 8.53 -24.46 19.54
CA GLY A 73 8.63 -25.67 20.33
C GLY A 73 8.79 -25.36 21.81
N ASN A 74 8.78 -26.42 22.62
CA ASN A 74 8.79 -26.32 24.08
C ASN A 74 10.16 -26.13 24.67
N VAL A 75 10.26 -25.18 25.60
CA VAL A 75 11.44 -25.09 26.42
C VAL A 75 10.93 -24.78 27.82
N SER A 76 11.38 -25.56 28.84
CA SER A 76 10.88 -25.51 30.20
C SER A 76 9.36 -25.37 30.24
N GLY A 77 8.67 -26.02 29.31
CA GLY A 77 7.25 -26.01 29.30
C GLY A 77 6.56 -24.78 28.78
N TYR A 78 7.29 -23.89 28.09
CA TYR A 78 6.68 -22.83 27.27
C TYR A 78 6.92 -23.08 25.80
N VAL A 79 5.93 -22.69 25.00
CA VAL A 79 6.09 -22.66 23.56
C VAL A 79 6.87 -21.41 23.21
N VAL A 80 8.05 -21.59 22.60
CA VAL A 80 8.88 -20.47 22.27
C VAL A 80 9.40 -20.60 20.85
N VAL A 81 10.11 -19.59 20.36
CA VAL A 81 10.74 -19.62 19.06
C VAL A 81 12.16 -20.16 19.24
N ARG A 82 12.39 -21.34 18.71
CA ARG A 82 13.56 -22.15 19.07
C ARG A 82 14.72 -21.90 18.15
N SER A 83 14.43 -21.59 16.88
CA SER A 83 15.46 -21.25 15.91
C SER A 83 14.93 -20.23 14.88
N LEU A 84 15.83 -19.44 14.32
CA LEU A 84 15.50 -18.52 13.21
C LEU A 84 16.49 -18.70 12.12
N THR A 85 16.03 -18.51 10.87
CA THR A 85 16.87 -18.48 9.69
C THR A 85 16.39 -17.34 8.81
N PHE A 86 17.36 -16.53 8.39
CA PHE A 86 17.14 -15.31 7.59
C PHE A 86 17.80 -15.52 6.28
N LYS A 87 17.03 -15.66 5.19
CA LYS A 87 17.65 -15.83 3.89
C LYS A 87 17.40 -14.55 3.10
N THR A 88 18.45 -13.95 2.60
CA THR A 88 18.34 -12.76 1.77
C THR A 88 18.62 -13.11 0.31
N ASN A 89 18.51 -12.13 -0.57
CA ASN A 89 18.87 -12.37 -1.96
C ASN A 89 20.36 -12.66 -2.16
N LYS A 90 21.16 -12.62 -1.10
CA LYS A 90 22.59 -12.72 -1.30
C LYS A 90 23.17 -13.87 -0.55
N LYS A 91 22.59 -14.22 0.61
CA LYS A 91 23.03 -15.40 1.37
C LYS A 91 22.08 -15.80 2.47
N THR A 92 22.41 -16.87 3.20
CA THR A 92 21.58 -17.41 4.28
C THR A 92 22.31 -17.19 5.60
N TYR A 93 21.60 -16.66 6.61
CA TYR A 93 22.18 -16.45 7.94
C TYR A 93 21.38 -17.32 8.92
N GLY A 94 22.06 -18.22 9.64
CA GLY A 94 21.38 -19.26 10.45
C GLY A 94 21.31 -20.64 9.78
N PRO A 95 20.61 -21.60 10.41
CA PRO A 95 19.78 -21.40 11.58
C PRO A 95 20.57 -21.08 12.80
N TYR A 96 19.96 -20.24 13.68
CA TYR A 96 20.43 -19.90 15.00
C TYR A 96 19.43 -20.46 16.01
N GLY A 97 19.92 -21.29 16.90
CA GLY A 97 19.06 -21.82 17.92
C GLY A 97 18.99 -23.32 17.79
N VAL A 98 17.82 -23.92 17.93
CA VAL A 98 17.70 -25.39 17.90
C VAL A 98 16.66 -25.76 16.83
N THR A 99 17.05 -26.55 15.82
CA THR A 99 16.12 -26.78 14.70
C THR A 99 15.21 -28.03 14.96
N SER A 100 14.30 -27.88 15.94
CA SER A 100 13.40 -28.89 16.49
C SER A 100 12.04 -28.28 16.85
N GLY A 101 10.99 -29.10 16.74
CA GLY A 101 9.60 -28.66 17.03
C GLY A 101 8.80 -28.49 15.74
N THR A 102 8.02 -27.42 15.64
CA THR A 102 7.14 -27.20 14.47
C THR A 102 7.81 -26.22 13.51
N PRO A 103 8.06 -26.66 12.26
CA PRO A 103 8.59 -25.70 11.31
C PRO A 103 7.61 -24.54 11.05
N PHE A 104 8.13 -23.36 10.71
CA PHE A 104 7.28 -22.32 10.12
C PHE A 104 8.20 -21.62 9.14
N ASN A 105 7.63 -20.98 8.12
CA ASN A 105 8.40 -20.15 7.19
C ASN A 105 7.51 -19.07 6.54
N LEU A 106 8.08 -17.87 6.34
CA LEU A 106 7.40 -16.83 5.59
C LEU A 106 8.33 -16.45 4.44
N PRO A 107 8.15 -17.08 3.23
CA PRO A 107 8.81 -16.69 2.00
C PRO A 107 8.12 -15.45 1.47
N ILE A 108 8.83 -14.62 0.70
CA ILE A 108 8.23 -13.38 0.18
C ILE A 108 8.53 -13.30 -1.31
N GLU A 109 7.53 -13.29 -2.16
CA GLU A 109 7.78 -13.09 -3.58
C GLU A 109 7.94 -11.63 -3.95
N ASN A 110 7.18 -10.78 -3.24
CA ASN A 110 7.16 -9.37 -3.48
C ASN A 110 6.86 -8.61 -2.22
N GLY A 111 7.74 -7.65 -1.92
CA GLY A 111 7.57 -6.74 -0.77
C GLY A 111 8.76 -6.95 0.17
N LEU A 112 8.67 -6.34 1.35
CA LEU A 112 9.76 -6.16 2.31
C LEU A 112 9.23 -6.28 3.70
N ILE A 113 10.04 -6.89 4.58
CA ILE A 113 9.73 -6.93 6.00
C ILE A 113 10.23 -5.60 6.53
N VAL A 114 9.40 -4.85 7.25
CA VAL A 114 9.78 -3.50 7.62
C VAL A 114 9.69 -3.24 9.15
N GLY A 115 9.50 -4.30 9.90
CA GLY A 115 9.17 -4.14 11.31
C GLY A 115 8.97 -5.45 12.00
N PHE A 116 9.30 -5.49 13.31
CA PHE A 116 9.07 -6.68 14.15
C PHE A 116 8.34 -6.29 15.44
N LYS A 117 7.54 -7.24 15.93
CA LYS A 117 6.94 -7.11 17.27
C LYS A 117 6.87 -8.52 17.76
N GLY A 118 6.52 -8.68 19.04
CA GLY A 118 6.50 -9.97 19.68
C GLY A 118 6.71 -9.85 21.16
N SER A 119 7.35 -10.86 21.76
CA SER A 119 7.39 -10.96 23.23
C SER A 119 8.58 -11.83 23.64
N ILE A 120 9.42 -11.36 24.58
CA ILE A 120 10.59 -12.12 25.01
C ILE A 120 10.54 -12.28 26.58
N GLY A 121 10.56 -13.52 27.07
CA GLY A 121 10.69 -13.76 28.53
C GLY A 121 12.08 -14.33 28.79
N TYR A 122 12.13 -15.57 29.23
CA TYR A 122 13.43 -16.22 29.20
C TYR A 122 13.91 -16.40 27.73
N TRP A 123 12.97 -16.61 26.82
CA TRP A 123 13.31 -16.76 25.40
C TRP A 123 12.34 -15.94 24.62
N LEU A 124 12.60 -15.78 23.30
CA LEU A 124 11.64 -15.24 22.36
C LEU A 124 10.34 -16.09 22.31
N ASP A 125 9.26 -15.61 22.97
CA ASP A 125 7.96 -16.29 23.03
C ASP A 125 7.21 -16.39 21.68
N TYR A 126 7.14 -15.32 20.90
CA TYR A 126 6.43 -15.29 19.63
C TYR A 126 6.84 -13.99 18.92
N PHE A 127 6.62 -13.87 17.62
CA PHE A 127 6.88 -12.60 16.95
C PHE A 127 6.00 -12.52 15.73
N SER A 128 5.80 -11.30 15.30
CA SER A 128 5.18 -10.97 14.03
C SER A 128 6.05 -10.01 13.20
N MET A 129 5.68 -9.87 11.91
CA MET A 129 6.44 -9.04 11.00
C MET A 129 5.54 -8.07 10.23
N TYR A 130 5.94 -6.80 10.20
CA TYR A 130 5.26 -5.78 9.39
C TYR A 130 5.78 -5.92 7.98
N LEU A 131 4.88 -5.97 6.99
CA LEU A 131 5.30 -6.06 5.59
C LEU A 131 4.90 -4.81 4.80
N SER A 132 5.74 -4.40 3.87
CA SER A 132 5.32 -3.29 3.00
C SER A 132 5.91 -3.47 1.63
N LEU A 133 5.34 -2.80 0.64
CA LEU A 133 6.00 -2.65 -0.66
C LEU A 133 7.06 -1.57 -0.63
N SER B 3 -8.81 7.43 11.00
CA SER B 3 -7.77 8.04 11.90
C SER B 3 -6.54 8.56 11.15
N GLY B 4 -5.76 9.45 11.78
CA GLY B 4 -4.47 9.84 11.13
C GLY B 4 -3.30 8.88 11.35
N ILE B 5 -3.56 7.66 11.86
CA ILE B 5 -2.50 6.64 12.03
C ILE B 5 -2.40 5.76 10.76
N SER B 6 -1.20 5.76 10.18
CA SER B 6 -0.90 5.00 8.96
C SER B 6 -0.95 3.54 9.32
N GLN B 7 -1.29 2.66 8.34
CA GLN B 7 -1.53 1.23 8.65
C GLN B 7 -0.61 0.42 7.77
N THR B 8 -0.26 -0.79 8.23
CA THR B 8 0.68 -1.70 7.57
C THR B 8 0.18 -3.14 7.72
N VAL B 9 0.39 -3.93 6.67
CA VAL B 9 0.20 -5.35 6.71
C VAL B 9 1.07 -5.95 7.83
N ILE B 10 0.48 -6.85 8.60
CA ILE B 10 1.22 -7.59 9.60
C ILE B 10 0.89 -9.05 9.47
N VAL B 11 1.92 -9.87 9.32
CA VAL B 11 1.76 -11.31 9.32
C VAL B 11 2.36 -11.87 10.62
N GLY B 12 1.76 -12.93 11.11
CA GLY B 12 2.06 -13.47 12.42
C GLY B 12 0.88 -13.58 13.36
N PRO B 13 1.14 -13.97 14.64
CA PRO B 13 2.48 -14.28 15.19
C PRO B 13 2.80 -15.73 15.08
N TRP B 14 4.08 -16.06 15.25
CA TRP B 14 4.55 -17.46 15.30
C TRP B 14 5.13 -17.65 16.65
N GLY B 15 4.85 -18.78 17.29
CA GLY B 15 5.25 -19.04 18.70
C GLY B 15 4.08 -19.29 19.63
N ALA B 16 4.25 -18.98 20.92
CA ALA B 16 3.21 -19.11 21.92
C ALA B 16 1.90 -18.42 21.51
N LYS B 17 0.79 -19.14 21.72
CA LYS B 17 -0.55 -18.69 21.38
C LYS B 17 -0.98 -17.65 22.43
N GLY C 1 3.17 -29.48 -13.02
CA GLY C 1 1.87 -28.73 -12.81
C GLY C 1 1.69 -27.67 -13.87
N LYS C 2 0.48 -27.18 -14.01
CA LYS C 2 0.26 -25.99 -14.76
C LYS C 2 0.25 -24.87 -13.73
N ALA C 3 1.11 -23.88 -13.91
CA ALA C 3 1.18 -22.72 -13.10
C ALA C 3 -0.06 -21.88 -13.29
N PHE C 4 -0.55 -21.27 -12.22
CA PHE C 4 -1.63 -20.27 -12.34
C PHE C 4 -1.33 -18.99 -11.56
N ASP C 5 -2.01 -17.91 -11.94
CA ASP C 5 -1.89 -16.65 -11.20
C ASP C 5 -3.18 -15.85 -11.34
N ASP C 6 -4.05 -15.87 -10.32
CA ASP C 6 -5.26 -15.04 -10.41
C ASP C 6 -4.96 -13.55 -10.47
N GLY C 7 -3.89 -13.11 -9.78
CA GLY C 7 -3.64 -11.68 -9.56
C GLY C 7 -4.35 -11.14 -8.32
N ALA C 8 -4.49 -9.82 -8.24
CA ALA C 8 -5.01 -9.22 -7.01
C ALA C 8 -6.44 -8.70 -7.19
N PHE C 9 -7.24 -8.82 -6.13
CA PHE C 9 -8.63 -8.37 -6.20
C PHE C 9 -8.99 -7.56 -4.98
N THR C 10 -10.28 -7.42 -4.68
CA THR C 10 -10.67 -6.52 -3.60
C THR C 10 -10.83 -7.30 -2.27
N GLY C 11 -10.97 -8.62 -2.36
CA GLY C 11 -11.34 -9.49 -1.24
C GLY C 11 -11.85 -10.81 -1.75
N ILE C 12 -12.17 -11.73 -0.84
CA ILE C 12 -12.65 -13.07 -1.23
C ILE C 12 -14.04 -13.32 -0.79
N ARG C 13 -14.88 -13.71 -1.76
CA ARG C 13 -16.30 -14.08 -1.45
C ARG C 13 -16.46 -15.58 -1.16
N GLU C 14 -15.78 -16.41 -1.96
CA GLU C 14 -16.04 -17.83 -1.93
C GLU C 14 -14.81 -18.64 -2.36
N ILE C 15 -14.57 -19.79 -1.74
CA ILE C 15 -13.49 -20.70 -2.22
C ILE C 15 -14.11 -22.05 -2.61
N ASN C 16 -13.83 -22.48 -3.85
CA ASN C 16 -14.16 -23.83 -4.23
C ASN C 16 -12.87 -24.67 -4.38
N LEU C 17 -12.64 -25.61 -3.51
CA LEU C 17 -11.54 -26.54 -3.72
C LEU C 17 -12.12 -27.97 -3.73
N SER C 18 -11.25 -28.94 -3.98
CA SER C 18 -11.58 -30.36 -3.89
C SER C 18 -10.41 -31.12 -3.28
N TYR C 19 -10.73 -32.24 -2.63
CA TYR C 19 -9.66 -33.00 -2.01
C TYR C 19 -10.04 -34.47 -2.06
N ASN C 20 -9.05 -35.32 -1.78
CA ASN C 20 -9.27 -36.73 -1.63
C ASN C 20 -8.51 -37.18 -0.40
N LYS C 21 -9.19 -37.92 0.47
CA LYS C 21 -8.62 -38.31 1.76
C LYS C 21 -7.34 -39.10 1.51
N GLU C 22 -7.40 -40.07 0.60
CA GLU C 22 -6.21 -40.86 0.22
C GLU C 22 -4.99 -40.02 -0.22
N THR C 23 -5.21 -38.84 -0.82
CA THR C 23 -4.12 -38.19 -1.52
C THR C 23 -4.00 -36.76 -1.09
N ALA C 24 -4.50 -35.78 -1.83
CA ALA C 24 -4.21 -34.38 -1.48
C ALA C 24 -5.26 -33.44 -2.07
N ILE C 25 -4.92 -32.14 -2.16
CA ILE C 25 -5.83 -31.11 -2.68
C ILE C 25 -5.77 -31.22 -4.20
N GLY C 26 -6.93 -31.18 -4.84
CA GLY C 26 -7.01 -31.38 -6.28
C GLY C 26 -7.27 -30.08 -7.02
N ASP C 27 -8.47 -29.55 -6.98
CA ASP C 27 -8.78 -28.34 -7.71
C ASP C 27 -8.90 -27.20 -6.75
N PHE C 28 -8.86 -25.99 -7.31
CA PHE C 28 -8.95 -24.73 -6.54
C PHE C 28 -9.56 -23.62 -7.45
N GLN C 29 -10.60 -22.94 -6.96
CA GLN C 29 -11.26 -21.82 -7.64
C GLN C 29 -11.77 -20.82 -6.61
N VAL C 30 -11.51 -19.54 -6.83
CA VAL C 30 -11.90 -18.54 -5.87
C VAL C 30 -12.92 -17.61 -6.50
N VAL C 31 -14.01 -17.31 -5.80
CA VAL C 31 -14.80 -16.19 -6.25
C VAL C 31 -14.32 -14.95 -5.45
N TYR C 32 -13.68 -14.02 -6.14
CA TYR C 32 -13.17 -12.78 -5.51
C TYR C 32 -14.22 -11.71 -5.41
N ASP C 33 -13.96 -10.70 -4.60
CA ASP C 33 -14.67 -9.46 -4.75
C ASP C 33 -13.83 -8.56 -5.62
N LEU C 34 -14.51 -7.78 -6.44
CA LEU C 34 -13.87 -6.75 -7.24
C LEU C 34 -14.73 -5.53 -7.19
N ASN C 35 -14.30 -4.63 -6.32
CA ASN C 35 -14.96 -3.34 -6.09
C ASN C 35 -16.44 -3.50 -5.72
N GLY C 36 -16.70 -4.50 -4.86
CA GLY C 36 -18.05 -4.78 -4.37
C GLY C 36 -18.88 -5.67 -5.29
N SER C 37 -18.25 -6.26 -6.29
CA SER C 37 -18.95 -7.24 -7.13
C SER C 37 -18.25 -8.57 -7.24
N PRO C 38 -19.06 -9.65 -7.28
CA PRO C 38 -18.38 -10.93 -7.38
C PRO C 38 -17.69 -11.04 -8.71
N TYR C 39 -16.51 -11.62 -8.71
CA TYR C 39 -15.84 -11.91 -9.95
C TYR C 39 -15.35 -13.37 -9.87
N VAL C 40 -15.86 -14.20 -10.77
CA VAL C 40 -15.63 -15.64 -10.67
C VAL C 40 -14.20 -15.98 -11.16
N GLY C 41 -13.38 -16.56 -10.32
CA GLY C 41 -12.00 -16.75 -10.74
C GLY C 41 -11.92 -17.91 -11.69
N GLN C 42 -10.80 -18.02 -12.37
CA GLN C 42 -10.46 -19.17 -13.19
C GLN C 42 -10.48 -20.44 -12.34
N ASN C 43 -11.07 -21.52 -12.86
CA ASN C 43 -11.08 -22.80 -12.17
C ASN C 43 -9.79 -23.55 -12.52
N HIS C 44 -8.97 -23.78 -11.50
CA HIS C 44 -7.64 -24.38 -11.69
C HIS C 44 -7.74 -25.84 -11.37
N LYS C 45 -7.85 -26.68 -12.41
CA LYS C 45 -8.17 -28.09 -12.21
C LYS C 45 -6.98 -29.02 -12.33
N SER C 46 -7.04 -30.09 -11.52
CA SER C 46 -6.04 -31.19 -11.52
C SER C 46 -6.01 -31.83 -12.91
N PHE C 47 -4.89 -32.39 -13.32
CA PHE C 47 -4.82 -33.30 -14.48
C PHE C 47 -5.75 -34.55 -14.31
N ILE C 48 -6.06 -34.94 -13.09
CA ILE C 48 -6.90 -36.12 -12.85
C ILE C 48 -8.17 -35.71 -12.14
N THR C 49 -9.07 -36.67 -11.95
CA THR C 49 -10.40 -36.39 -11.38
C THR C 49 -10.78 -37.49 -10.38
N GLY C 50 -11.92 -37.34 -9.71
CA GLY C 50 -12.20 -38.26 -8.65
C GLY C 50 -12.25 -37.59 -7.32
N PHE C 51 -11.92 -36.28 -7.27
CA PHE C 51 -11.96 -35.54 -5.98
C PHE C 51 -13.35 -35.18 -5.45
N THR C 52 -13.40 -34.83 -4.17
CA THR C 52 -14.61 -34.47 -3.47
C THR C 52 -14.62 -32.95 -3.39
N PRO C 53 -15.63 -32.29 -3.99
CA PRO C 53 -15.63 -30.85 -3.95
C PRO C 53 -16.22 -30.31 -2.66
N VAL C 54 -15.74 -29.14 -2.32
CA VAL C 54 -16.31 -28.37 -1.24
C VAL C 54 -16.45 -26.92 -1.70
N LYS C 55 -17.39 -26.23 -1.07
CA LYS C 55 -17.54 -24.81 -1.31
C LYS C 55 -17.54 -24.12 0.03
N ILE C 56 -16.62 -23.16 0.14
CA ILE C 56 -16.48 -22.34 1.36
C ILE C 56 -17.10 -20.96 1.00
N SER C 57 -18.32 -20.71 1.45
CA SER C 57 -19.07 -19.49 1.09
C SER C 57 -19.01 -18.47 2.23
N LEU C 58 -18.21 -17.42 2.07
CA LEU C 58 -18.00 -16.50 3.21
C LEU C 58 -19.08 -15.43 3.25
N ASP C 59 -19.38 -14.95 4.46
CA ASP C 59 -20.32 -13.86 4.67
C ASP C 59 -19.61 -12.50 4.40
N PHE C 60 -19.30 -12.28 3.10
CA PHE C 60 -18.59 -11.07 2.64
C PHE C 60 -19.53 -9.89 2.65
N PRO C 61 -19.10 -8.74 3.17
CA PRO C 61 -17.76 -8.40 3.57
C PRO C 61 -17.35 -8.64 5.05
N SER C 62 -18.25 -8.97 5.97
CA SER C 62 -17.87 -8.97 7.38
C SER C 62 -17.04 -10.19 7.84
N GLU C 63 -17.16 -11.27 7.09
CA GLU C 63 -16.30 -12.44 7.25
C GLU C 63 -15.05 -12.38 6.34
N TYR C 64 -13.86 -12.61 6.91
CA TYR C 64 -12.62 -12.68 6.19
C TYR C 64 -11.62 -13.67 6.75
N ILE C 65 -10.77 -14.21 5.86
CA ILE C 65 -9.73 -15.16 6.30
C ILE C 65 -8.62 -14.51 7.17
N MET C 66 -8.39 -15.04 8.38
CA MET C 66 -7.29 -14.60 9.30
C MET C 66 -6.05 -15.53 9.31
N GLU C 67 -6.25 -16.78 8.92
CA GLU C 67 -5.13 -17.72 8.84
C GLU C 67 -5.37 -18.87 7.85
N VAL C 68 -4.35 -19.16 7.01
CA VAL C 68 -4.37 -20.26 6.08
C VAL C 68 -3.31 -21.19 6.66
N SER C 69 -3.61 -22.50 6.71
CA SER C 69 -2.61 -23.43 7.15
C SER C 69 -2.80 -24.73 6.38
N GLY C 70 -1.89 -25.66 6.57
CA GLY C 70 -2.06 -26.96 5.92
C GLY C 70 -0.83 -27.77 6.14
N TYR C 71 -0.69 -28.81 5.31
CA TYR C 71 0.40 -29.73 5.42
C TYR C 71 0.92 -30.05 4.05
N THR C 72 2.22 -30.16 3.88
CA THR C 72 2.77 -30.69 2.64
C THR C 72 3.45 -32.02 2.89
N GLY C 73 3.42 -32.88 1.87
CA GLY C 73 3.89 -34.26 1.99
C GLY C 73 3.94 -34.86 0.62
N ASN C 74 4.41 -36.11 0.57
CA ASN C 74 4.76 -36.76 -0.69
C ASN C 74 3.64 -37.75 -1.02
N VAL C 75 2.97 -37.56 -2.15
CA VAL C 75 1.95 -38.48 -2.63
C VAL C 75 2.40 -39.11 -3.98
N SER C 76 2.65 -40.43 -3.97
CA SER C 76 3.08 -41.18 -5.16
C SER C 76 4.25 -40.51 -5.88
N GLY C 77 5.20 -39.92 -5.13
CA GLY C 77 6.41 -39.34 -5.71
C GLY C 77 6.33 -37.83 -5.87
N TYR C 78 5.15 -37.26 -5.62
CA TYR C 78 4.92 -35.84 -5.87
C TYR C 78 4.83 -35.14 -4.51
N VAL C 79 5.64 -34.08 -4.35
CA VAL C 79 5.54 -33.31 -3.10
C VAL C 79 4.51 -32.21 -3.26
N VAL C 80 3.43 -32.31 -2.47
CA VAL C 80 2.21 -31.54 -2.73
C VAL C 80 1.55 -31.04 -1.43
N VAL C 81 0.56 -30.16 -1.56
CA VAL C 81 -0.21 -29.68 -0.41
C VAL C 81 -1.30 -30.77 -0.19
N ARG C 82 -1.20 -31.49 0.92
CA ARG C 82 -2.08 -32.62 1.20
C ARG C 82 -3.30 -32.20 2.00
N SER C 83 -3.20 -31.09 2.72
CA SER C 83 -4.45 -30.51 3.28
C SER C 83 -4.35 -29.00 3.43
N LEU C 84 -5.49 -28.37 3.66
CA LEU C 84 -5.62 -26.90 3.80
C LEU C 84 -6.64 -26.66 4.84
N THR C 85 -6.51 -25.55 5.53
CA THR C 85 -7.51 -25.14 6.52
C THR C 85 -7.60 -23.64 6.38
N PHE C 86 -8.83 -23.11 6.43
CA PHE C 86 -9.04 -21.68 6.29
C PHE C 86 -9.79 -21.19 7.50
N LYS C 87 -9.12 -20.36 8.29
CA LYS C 87 -9.71 -19.81 9.52
C LYS C 87 -10.16 -18.36 9.23
N THR C 88 -11.43 -18.05 9.47
CA THR C 88 -11.92 -16.67 9.37
C THR C 88 -12.14 -16.13 10.77
N ASN C 89 -12.63 -14.88 10.85
CA ASN C 89 -12.99 -14.20 12.09
C ASN C 89 -14.23 -14.86 12.65
N LYS C 90 -14.87 -15.70 11.85
CA LYS C 90 -16.18 -16.33 12.18
C LYS C 90 -16.06 -17.84 12.47
N LYS C 91 -15.36 -18.58 11.62
CA LYS C 91 -15.29 -20.03 11.76
C LYS C 91 -14.01 -20.62 11.14
N THR C 92 -13.82 -21.92 11.35
CA THR C 92 -12.74 -22.64 10.71
C THR C 92 -13.39 -23.63 9.72
N TYR C 93 -12.77 -23.75 8.56
CA TYR C 93 -13.22 -24.52 7.45
C TYR C 93 -12.08 -25.44 7.21
N GLY C 94 -12.33 -26.72 7.43
CA GLY C 94 -11.34 -27.74 7.25
C GLY C 94 -10.92 -28.28 8.60
N PRO C 95 -9.92 -29.16 8.63
CA PRO C 95 -9.01 -29.41 7.54
C PRO C 95 -9.65 -30.23 6.40
N TYR C 96 -9.29 -29.95 5.17
CA TYR C 96 -9.67 -30.75 4.03
C TYR C 96 -8.42 -31.52 3.46
N GLY C 97 -8.44 -32.85 3.41
CA GLY C 97 -7.27 -33.58 2.89
C GLY C 97 -6.52 -34.36 3.98
N VAL C 98 -5.35 -34.91 3.67
CA VAL C 98 -4.57 -35.67 4.69
C VAL C 98 -3.71 -34.68 5.52
N THR C 99 -3.90 -34.71 6.84
CA THR C 99 -3.18 -33.82 7.74
C THR C 99 -1.90 -34.50 8.26
N SER C 100 -1.06 -34.94 7.32
CA SER C 100 0.20 -35.58 7.63
C SER C 100 1.26 -34.96 6.73
N GLY C 101 2.48 -34.77 7.23
CA GLY C 101 3.61 -34.25 6.46
C GLY C 101 4.22 -33.09 7.23
N THR C 102 4.77 -32.11 6.52
CA THR C 102 5.32 -30.90 7.11
C THR C 102 4.26 -29.80 7.20
N PRO C 103 4.06 -29.20 8.38
CA PRO C 103 3.05 -28.13 8.48
C PRO C 103 3.51 -26.83 7.85
N PHE C 104 2.54 -26.01 7.49
CA PHE C 104 2.74 -24.60 7.19
C PHE C 104 1.51 -23.80 7.66
N ASN C 105 1.71 -22.51 7.88
CA ASN C 105 0.60 -21.65 8.29
C ASN C 105 0.97 -20.21 7.98
N LEU C 106 0.00 -19.45 7.51
CA LEU C 106 0.15 -17.99 7.36
C LEU C 106 -0.85 -17.29 8.23
N PRO C 107 -0.43 -16.78 9.39
CA PRO C 107 -1.48 -16.11 10.15
C PRO C 107 -1.42 -14.58 9.89
N ILE C 108 -2.52 -13.86 10.09
CA ILE C 108 -2.56 -12.46 9.65
C ILE C 108 -3.05 -11.59 10.73
N GLU C 109 -2.27 -10.58 11.08
CA GLU C 109 -2.68 -9.69 12.16
C GLU C 109 -3.39 -8.52 11.54
N ASN C 110 -2.90 -8.11 10.36
CA ASN C 110 -3.47 -6.96 9.69
C ASN C 110 -3.37 -7.03 8.18
N GLY C 111 -4.52 -6.89 7.53
CA GLY C 111 -4.59 -6.99 6.08
C GLY C 111 -5.38 -8.16 5.57
N LEU C 112 -5.47 -8.31 4.25
CA LEU C 112 -6.39 -9.27 3.64
C LEU C 112 -5.72 -10.10 2.57
N ILE C 113 -6.10 -11.36 2.47
CA ILE C 113 -5.76 -12.14 1.26
C ILE C 113 -6.58 -11.59 0.08
N VAL C 114 -5.91 -11.15 -0.97
CA VAL C 114 -6.68 -10.63 -2.14
C VAL C 114 -6.47 -11.38 -3.45
N GLY C 115 -5.72 -12.48 -3.37
CA GLY C 115 -5.27 -13.15 -4.58
C GLY C 115 -4.53 -14.43 -4.30
N PHE C 116 -4.64 -15.40 -5.23
CA PHE C 116 -3.90 -16.64 -5.19
C PHE C 116 -3.13 -16.92 -6.46
N LYS C 117 -1.94 -17.47 -6.29
CA LYS C 117 -1.20 -18.03 -7.43
C LYS C 117 -0.59 -19.38 -7.01
N GLY C 118 -0.12 -20.15 -7.99
CA GLY C 118 0.55 -21.40 -7.73
C GLY C 118 0.69 -22.33 -8.95
N SER C 119 0.67 -23.62 -8.67
CA SER C 119 0.80 -24.69 -9.62
C SER C 119 -0.03 -25.90 -9.18
N ILE C 120 -0.86 -26.35 -10.12
CA ILE C 120 -1.60 -27.59 -9.96
C ILE C 120 -1.27 -28.54 -11.10
N GLY C 121 -0.92 -29.78 -10.68
CA GLY C 121 -0.68 -30.93 -11.58
C GLY C 121 -1.68 -32.04 -11.24
N TYR C 122 -1.22 -33.23 -10.88
CA TYR C 122 -2.15 -34.21 -10.29
C TYR C 122 -2.74 -33.65 -9.00
N TRP C 123 -1.91 -33.01 -8.19
CA TRP C 123 -2.40 -32.26 -6.98
C TRP C 123 -1.92 -30.83 -6.91
N LEU C 124 -2.42 -30.09 -5.93
CA LEU C 124 -1.87 -28.74 -5.71
C LEU C 124 -0.36 -28.78 -5.26
N ASP C 125 0.54 -28.32 -6.12
CA ASP C 125 1.96 -28.41 -5.89
C ASP C 125 2.41 -27.38 -4.87
N TYR C 126 1.94 -26.16 -5.08
CA TYR C 126 2.28 -25.02 -4.22
C TYR C 126 1.34 -23.86 -4.51
N PHE C 127 1.27 -22.94 -3.53
CA PHE C 127 0.61 -21.68 -3.72
C PHE C 127 1.17 -20.50 -2.95
N SER C 128 0.86 -19.32 -3.48
CA SER C 128 1.16 -18.04 -2.85
C SER C 128 -0.05 -17.17 -2.75
N MET C 129 0.05 -16.15 -1.90
CA MET C 129 -1.10 -15.30 -1.67
C MET C 129 -0.73 -13.84 -1.82
N TYR C 130 -1.61 -13.04 -2.45
CA TYR C 130 -1.37 -11.59 -2.52
C TYR C 130 -2.00 -10.99 -1.31
N LEU C 131 -1.33 -10.01 -0.71
CA LEU C 131 -1.80 -9.44 0.54
C LEU C 131 -1.93 -7.94 0.33
N SER C 132 -3.00 -7.35 0.86
CA SER C 132 -3.24 -5.95 0.79
C SER C 132 -4.05 -5.39 2.00
N LEU C 133 -3.93 -4.08 2.22
CA LEU C 133 -4.75 -3.39 3.17
C LEU C 133 -6.00 -3.13 2.42
N GLN D 2 9.91 0.91 -13.33
CA GLN D 2 8.64 1.63 -13.14
C GLN D 2 7.73 1.35 -14.35
N SER D 3 6.64 0.61 -14.14
CA SER D 3 5.74 0.33 -15.25
C SER D 3 4.35 0.75 -14.85
N GLY D 4 3.44 0.66 -15.82
CA GLY D 4 2.03 0.91 -15.58
C GLY D 4 1.26 -0.15 -14.81
N ILE D 5 1.93 -1.24 -14.45
CA ILE D 5 1.35 -2.36 -13.63
C ILE D 5 1.51 -2.13 -12.13
N SER D 6 0.39 -2.12 -11.44
CA SER D 6 0.37 -1.87 -10.06
C SER D 6 0.88 -3.13 -9.30
N GLN D 7 1.34 -2.93 -8.10
CA GLN D 7 1.80 -4.07 -7.44
C GLN D 7 1.24 -4.31 -6.09
N THR D 8 1.57 -5.47 -5.52
CA THR D 8 0.96 -5.98 -4.28
C THR D 8 2.01 -6.81 -3.55
N VAL D 9 1.93 -6.87 -2.24
CA VAL D 9 2.69 -7.80 -1.47
C VAL D 9 2.21 -9.22 -1.82
N ILE D 10 3.15 -10.14 -2.01
CA ILE D 10 2.92 -11.59 -2.25
C ILE D 10 3.79 -12.39 -1.28
N VAL D 11 3.18 -13.26 -0.46
CA VAL D 11 3.92 -14.21 0.33
C VAL D 11 3.72 -15.68 -0.13
N GLY D 12 4.72 -16.52 0.13
CA GLY D 12 4.83 -17.83 -0.52
C GLY D 12 6.06 -17.97 -1.44
N PRO D 13 6.18 -19.13 -2.12
CA PRO D 13 5.15 -20.19 -1.96
C PRO D 13 5.24 -21.19 -0.74
N TRP D 14 4.12 -21.89 -0.51
CA TRP D 14 4.10 -23.05 0.37
C TRP D 14 3.68 -24.25 -0.42
N GLY D 15 4.38 -25.36 -0.19
CA GLY D 15 4.41 -26.51 -1.07
C GLY D 15 5.86 -26.91 -1.32
N GLY E 1 17.05 26.86 -5.10
CA GLY E 1 16.97 26.59 -3.63
C GLY E 1 17.75 25.36 -3.12
N LYS E 2 17.49 25.03 -1.86
CA LYS E 2 17.95 23.80 -1.25
C LYS E 2 16.82 22.78 -1.13
N ALA E 3 17.01 21.70 -1.86
CA ALA E 3 16.17 20.54 -1.93
C ALA E 3 16.07 19.86 -0.58
N PHE E 4 14.87 19.46 -0.20
CA PHE E 4 14.66 18.66 1.03
C PHE E 4 13.73 17.49 0.74
N ASP E 5 13.82 16.47 1.59
CA ASP E 5 13.06 15.27 1.54
C ASP E 5 12.96 14.59 2.94
N ASP E 6 11.87 14.84 3.64
CA ASP E 6 11.70 14.16 4.94
C ASP E 6 11.50 12.64 4.79
N GLY E 7 10.95 12.21 3.65
CA GLY E 7 10.55 10.81 3.56
C GLY E 7 9.24 10.57 4.26
N ALA E 8 8.94 9.30 4.50
CA ALA E 8 7.58 8.88 4.88
C ALA E 8 7.52 8.44 6.32
N PHE E 9 6.42 8.78 7.00
CA PHE E 9 6.22 8.41 8.40
C PHE E 9 4.84 7.75 8.59
N THR E 10 4.31 7.73 9.79
CA THR E 10 3.01 7.12 9.95
C THR E 10 1.94 8.20 10.25
N GLY E 11 2.31 9.46 10.19
CA GLY E 11 1.27 10.51 10.34
C GLY E 11 1.82 11.88 10.65
N ILE E 12 0.93 12.84 10.85
CA ILE E 12 1.34 14.24 11.15
C ILE E 12 0.71 14.72 12.45
N ARG E 13 1.55 15.22 13.35
CA ARG E 13 1.09 15.77 14.60
C ARG E 13 1.05 17.29 14.53
N GLU E 14 2.01 17.90 13.81
CA GLU E 14 2.12 19.34 13.89
C GLU E 14 2.81 19.95 12.68
N ILE E 15 2.28 21.07 12.17
CA ILE E 15 2.99 21.81 11.09
C ILE E 15 3.48 23.18 11.55
N ASN E 16 4.78 23.41 11.37
CA ASN E 16 5.34 24.73 11.63
C ASN E 16 5.80 25.34 10.36
N LEU E 17 5.20 26.49 10.04
CA LEU E 17 5.55 27.15 8.81
C LEU E 17 5.70 28.62 9.02
N SER E 18 6.33 29.32 8.06
CA SER E 18 6.39 30.77 8.14
C SER E 18 5.99 31.38 6.83
N TYR E 19 5.47 32.61 6.86
CA TYR E 19 5.05 33.26 5.66
C TYR E 19 5.29 34.78 5.78
N ASN E 20 5.21 35.48 4.65
CA ASN E 20 5.18 36.93 4.67
C ASN E 20 3.95 37.38 3.89
N LYS E 21 3.13 38.29 4.45
CA LYS E 21 1.87 38.68 3.80
C LYS E 21 2.10 39.32 2.43
N GLU E 22 3.35 39.51 2.02
CA GLU E 22 3.58 40.22 0.75
C GLU E 22 4.40 39.51 -0.28
N THR E 23 5.16 38.50 0.13
CA THR E 23 5.87 37.63 -0.80
C THR E 23 5.25 36.22 -0.79
N ALA E 24 5.71 35.34 0.08
CA ALA E 24 5.37 33.91 -0.12
C ALA E 24 5.68 33.13 1.16
N ILE E 25 5.57 31.79 1.12
CA ILE E 25 5.92 30.90 2.27
C ILE E 25 7.41 30.87 2.42
N GLY E 26 7.91 30.94 3.66
CA GLY E 26 9.33 30.95 3.98
C GLY E 26 9.82 29.60 4.54
N ASP E 27 9.53 29.29 5.81
CA ASP E 27 9.97 28.07 6.50
C ASP E 27 8.95 26.97 6.58
N PHE E 28 9.42 25.74 6.57
CA PHE E 28 8.52 24.59 6.65
C PHE E 28 9.18 23.51 7.50
N GLN E 29 8.44 23.08 8.53
CA GLN E 29 8.90 22.01 9.45
C GLN E 29 7.71 21.18 9.92
N VAL E 30 7.88 19.87 9.89
CA VAL E 30 6.82 19.01 10.31
C VAL E 30 7.24 18.18 11.52
N VAL E 31 6.36 18.13 12.52
CA VAL E 31 6.40 17.07 13.59
C VAL E 31 5.49 15.94 13.17
N TYR E 32 6.10 14.87 12.69
CA TYR E 32 5.39 13.67 12.32
C TYR E 32 5.04 12.82 13.50
N ASP E 33 4.09 11.91 13.27
CA ASP E 33 4.05 10.68 14.07
C ASP E 33 4.93 9.61 13.42
N LEU E 34 5.80 8.98 14.22
CA LEU E 34 6.40 7.67 13.91
C LEU E 34 5.96 6.57 14.92
N ASN E 35 5.03 5.73 14.47
CA ASN E 35 4.66 4.56 15.26
C ASN E 35 4.19 4.95 16.65
N GLY E 36 3.49 6.10 16.74
CA GLY E 36 2.84 6.39 18.03
C GLY E 36 3.64 7.38 18.85
N SER E 37 4.84 7.73 18.40
CA SER E 37 5.66 8.76 19.04
C SER E 37 5.98 9.90 18.08
N PRO E 38 6.13 11.12 18.65
CA PRO E 38 6.40 12.31 17.88
C PRO E 38 7.77 12.11 17.29
N TYR E 39 7.99 12.63 16.11
CA TYR E 39 9.30 12.62 15.49
C TYR E 39 9.49 14.04 14.96
N VAL E 40 10.47 14.73 15.48
CA VAL E 40 10.63 16.13 15.13
C VAL E 40 11.37 16.15 13.81
N GLY E 41 10.67 16.60 12.78
CA GLY E 41 11.24 16.58 11.45
C GLY E 41 12.26 17.70 11.31
N GLN E 42 13.04 17.60 10.26
CA GLN E 42 14.03 18.62 10.02
C GLN E 42 13.35 19.96 9.70
N ASN E 43 13.96 21.07 10.16
CA ASN E 43 13.42 22.41 9.88
C ASN E 43 14.00 23.04 8.58
N HIS E 44 13.13 23.19 7.58
CA HIS E 44 13.55 23.61 6.24
C HIS E 44 13.39 25.10 6.22
N LYS E 45 14.52 25.80 6.26
CA LYS E 45 14.52 27.24 6.46
C LYS E 45 14.79 27.95 5.19
N SER E 46 14.12 29.08 5.02
CA SER E 46 14.48 30.05 3.99
C SER E 46 15.94 30.55 4.16
N PHE E 47 16.55 30.94 3.03
CA PHE E 47 17.87 31.64 2.97
C PHE E 47 17.87 32.98 3.72
N ILE E 48 16.68 33.59 3.83
CA ILE E 48 16.50 34.90 4.47
C ILE E 48 15.53 34.73 5.62
N THR E 49 15.41 35.72 6.50
CA THR E 49 14.53 35.62 7.65
C THR E 49 13.66 36.89 7.76
N GLY E 50 12.77 36.88 8.76
CA GLY E 50 11.81 37.99 8.97
C GLY E 50 10.38 37.50 8.74
N PHE E 51 10.20 36.19 8.61
CA PHE E 51 8.87 35.65 8.39
C PHE E 51 8.05 35.58 9.67
N THR E 52 6.76 35.37 9.53
CA THR E 52 5.86 35.26 10.67
C THR E 52 5.63 33.79 10.90
N PRO E 53 6.05 33.28 12.06
CA PRO E 53 5.91 31.88 12.34
C PRO E 53 4.44 31.55 12.61
N VAL E 54 4.06 30.32 12.31
CA VAL E 54 2.73 29.77 12.54
C VAL E 54 2.89 28.29 13.03
N LYS E 55 2.12 27.92 14.03
CA LYS E 55 2.14 26.56 14.52
C LYS E 55 0.76 25.93 14.39
N ILE E 56 0.66 24.86 13.60
CA ILE E 56 -0.62 24.16 13.43
C ILE E 56 -0.55 22.86 14.27
N SER E 57 -1.15 22.82 15.47
CA SER E 57 -1.14 21.59 16.29
C SER E 57 -2.35 20.73 16.14
N LEU E 58 -2.19 19.57 15.53
CA LEU E 58 -3.34 18.70 15.26
C LEU E 58 -3.72 17.79 16.44
N ASP E 59 -5.00 17.51 16.56
CA ASP E 59 -5.40 16.65 17.69
C ASP E 59 -5.15 15.21 17.18
N PHE E 60 -3.87 14.85 16.96
CA PHE E 60 -3.51 13.46 16.62
C PHE E 60 -3.98 12.43 17.70
N PRO E 61 -4.54 11.27 17.28
CA PRO E 61 -4.77 10.73 15.96
C PRO E 61 -6.13 11.09 15.34
N SER E 62 -7.07 11.69 16.07
CA SER E 62 -8.38 11.83 15.43
C SER E 62 -8.48 12.98 14.38
N GLU E 63 -7.56 13.93 14.45
CA GLU E 63 -7.61 15.03 13.48
C GLU E 63 -6.57 14.80 12.42
N TYR E 64 -6.94 14.89 11.15
CA TYR E 64 -5.96 14.72 10.08
C TYR E 64 -6.32 15.59 8.85
N ILE E 65 -5.32 15.84 8.01
CA ILE E 65 -5.47 16.76 6.91
C ILE E 65 -6.22 16.04 5.80
N MET E 66 -7.26 16.73 5.29
CA MET E 66 -8.09 16.24 4.17
C MET E 66 -7.85 17.05 2.88
N GLU E 67 -7.24 18.22 3.00
CA GLU E 67 -6.91 19.00 1.79
C GLU E 67 -5.76 19.95 2.02
N VAL E 68 -4.77 19.93 1.12
CA VAL E 68 -3.78 20.98 1.11
C VAL E 68 -4.06 21.77 -0.13
N SER E 69 -4.12 23.09 0.01
CA SER E 69 -4.35 23.95 -1.14
C SER E 69 -3.43 25.14 -1.02
N GLY E 70 -3.38 25.96 -2.07
CA GLY E 70 -2.46 27.08 -2.10
C GLY E 70 -2.38 27.80 -3.42
N TYR E 71 -1.44 28.72 -3.51
CA TYR E 71 -1.25 29.52 -4.68
C TYR E 71 0.23 29.46 -4.96
N THR E 72 0.51 29.28 -6.24
CA THR E 72 1.87 29.45 -6.66
C THR E 72 1.90 30.64 -7.57
N GLY E 73 3.01 31.37 -7.50
CA GLY E 73 3.15 32.48 -8.39
C GLY E 73 4.51 33.12 -8.39
N ASN E 74 4.56 34.22 -9.10
CA ASN E 74 5.75 34.96 -9.29
C ASN E 74 6.05 35.90 -8.15
N VAL E 75 7.24 35.72 -7.57
CA VAL E 75 7.89 36.68 -6.66
C VAL E 75 9.34 36.94 -7.13
N SER E 76 9.73 38.20 -7.38
CA SER E 76 11.13 38.51 -7.68
C SER E 76 11.68 37.74 -8.90
N GLY E 77 10.81 37.39 -9.83
CA GLY E 77 11.21 36.62 -10.99
C GLY E 77 11.21 35.12 -10.85
N TYR E 78 10.81 34.58 -9.70
CA TYR E 78 10.84 33.14 -9.50
C TYR E 78 9.42 32.69 -9.19
N VAL E 79 9.07 31.48 -9.64
CA VAL E 79 7.78 30.89 -9.30
C VAL E 79 7.94 30.23 -7.94
N VAL E 80 7.04 30.57 -7.02
CA VAL E 80 7.12 30.02 -5.68
C VAL E 80 5.72 29.67 -5.18
N VAL E 81 5.70 29.03 -4.02
CA VAL E 81 4.44 28.77 -3.28
C VAL E 81 4.18 30.00 -2.44
N ARG E 82 3.21 30.76 -2.88
CA ARG E 82 2.91 32.04 -2.31
C ARG E 82 2.03 31.91 -1.06
N SER E 83 1.27 30.81 -1.01
CA SER E 83 0.20 30.66 -0.06
C SER E 83 -0.10 29.16 0.20
N LEU E 84 -0.45 28.82 1.45
CA LEU E 84 -0.86 27.50 1.88
C LEU E 84 -2.07 27.52 2.77
N THR E 85 -2.97 26.56 2.56
CA THR E 85 -4.09 26.27 3.46
C THR E 85 -4.20 24.77 3.80
N PHE E 86 -4.32 24.42 5.08
CA PHE E 86 -4.48 23.02 5.40
C PHE E 86 -5.87 22.85 5.97
N LYS E 87 -6.63 21.90 5.43
CA LYS E 87 -7.98 21.67 5.90
C LYS E 87 -8.02 20.25 6.43
N THR E 88 -8.51 20.10 7.66
CA THR E 88 -8.61 18.77 8.26
C THR E 88 -10.09 18.37 8.38
N ASN E 89 -10.34 17.21 8.98
CA ASN E 89 -11.70 16.71 9.18
C ASN E 89 -12.42 17.61 10.19
N LYS E 90 -11.63 18.48 10.83
CA LYS E 90 -12.18 19.20 11.95
C LYS E 90 -12.11 20.72 11.87
N LYS E 91 -11.02 21.24 11.28
CA LYS E 91 -10.78 22.70 11.20
C LYS E 91 -10.04 23.07 9.94
N THR E 92 -10.17 24.32 9.51
CA THR E 92 -9.30 24.89 8.45
C THR E 92 -8.27 25.83 9.04
N TYR E 93 -7.00 25.67 8.63
CA TYR E 93 -5.84 26.46 9.02
C TYR E 93 -5.28 27.23 7.85
N GLY E 94 -5.42 28.55 7.91
CA GLY E 94 -5.03 29.34 6.75
C GLY E 94 -6.20 30.07 6.09
N PRO E 95 -5.94 30.74 4.96
CA PRO E 95 -4.65 30.74 4.23
C PRO E 95 -3.54 31.54 4.92
N TYR E 96 -2.30 31.15 4.65
CA TYR E 96 -1.13 31.84 5.16
C TYR E 96 -0.40 32.28 3.92
N GLY E 97 -0.09 33.58 3.80
CA GLY E 97 0.64 34.02 2.57
C GLY E 97 -0.15 34.97 1.69
N VAL E 98 0.02 34.92 0.39
CA VAL E 98 -0.58 35.85 -0.55
C VAL E 98 -1.41 34.93 -1.45
N THR E 99 -2.72 35.13 -1.47
CA THR E 99 -3.63 34.28 -2.22
C THR E 99 -3.80 34.77 -3.65
N SER E 100 -2.71 34.76 -4.41
CA SER E 100 -2.83 35.13 -5.81
C SER E 100 -1.80 34.39 -6.65
N GLY E 101 -2.13 34.27 -7.95
CA GLY E 101 -1.32 33.51 -8.86
C GLY E 101 -2.21 32.39 -9.34
N THR E 102 -1.65 31.17 -9.42
CA THR E 102 -2.37 29.96 -9.87
C THR E 102 -2.77 29.14 -8.68
N PRO E 103 -4.06 28.83 -8.51
CA PRO E 103 -4.29 27.95 -7.36
C PRO E 103 -3.93 26.46 -7.63
N PHE E 104 -3.75 25.71 -6.56
CA PHE E 104 -3.64 24.28 -6.67
C PHE E 104 -4.31 23.70 -5.42
N ASN E 105 -4.77 22.47 -5.50
CA ASN E 105 -5.23 21.82 -4.30
C ASN E 105 -5.12 20.31 -4.37
N LEU E 106 -4.91 19.72 -3.20
CA LEU E 106 -4.91 18.26 -3.02
C LEU E 106 -5.93 17.83 -1.95
N PRO E 107 -7.18 17.56 -2.37
CA PRO E 107 -8.13 16.88 -1.50
C PRO E 107 -7.95 15.38 -1.49
N ILE E 108 -8.26 14.79 -0.34
CA ILE E 108 -8.06 13.36 -0.14
C ILE E 108 -9.34 12.76 0.33
N GLU E 109 -9.88 11.81 -0.42
CA GLU E 109 -11.05 11.08 0.06
C GLU E 109 -10.57 9.94 0.94
N ASN E 110 -9.49 9.29 0.58
CA ASN E 110 -9.10 8.16 1.42
C ASN E 110 -7.61 8.12 1.57
N GLY E 111 -7.16 7.88 2.81
CA GLY E 111 -5.74 7.82 3.10
C GLY E 111 -5.18 9.11 3.68
N LEU E 112 -3.85 9.18 3.79
CA LEU E 112 -3.13 10.15 4.65
C LEU E 112 -1.87 10.76 4.06
N ILE E 113 -1.58 12.03 4.31
CA ILE E 113 -0.25 12.61 4.01
C ILE E 113 0.68 12.14 5.09
N VAL E 114 1.80 11.54 4.68
CA VAL E 114 2.73 10.99 5.63
C VAL E 114 4.16 11.54 5.47
N GLY E 115 4.37 12.54 4.59
CA GLY E 115 5.71 13.15 4.47
C GLY E 115 5.68 14.24 3.45
N PHE E 116 6.72 15.06 3.44
CA PHE E 116 6.85 16.23 2.55
C PHE E 116 8.28 16.25 2.05
N LYS E 117 8.44 16.75 0.82
CA LYS E 117 9.73 17.04 0.19
C LYS E 117 9.48 18.23 -0.68
N GLY E 118 10.56 18.89 -1.06
CA GLY E 118 10.48 20.03 -1.96
C GLY E 118 11.83 20.73 -2.03
N SER E 119 11.75 22.05 -2.13
CA SER E 119 12.91 22.92 -2.18
C SER E 119 12.48 24.29 -1.66
N ILE E 120 13.46 24.95 -1.02
CA ILE E 120 13.33 26.30 -0.39
C ILE E 120 14.59 27.10 -0.68
N GLY E 121 14.39 28.30 -1.29
CA GLY E 121 15.47 29.26 -1.53
C GLY E 121 15.17 30.43 -0.59
N TYR E 122 14.86 31.59 -1.17
CA TYR E 122 14.30 32.69 -0.40
C TYR E 122 12.88 32.34 0.07
N TRP E 123 12.14 31.59 -0.76
CA TRP E 123 10.80 31.07 -0.47
C TRP E 123 10.73 29.63 -0.86
N LEU E 124 9.64 28.99 -0.39
CA LEU E 124 9.32 27.64 -0.73
C LEU E 124 9.12 27.57 -2.25
N ASP E 125 10.02 26.89 -2.95
CA ASP E 125 10.05 26.81 -4.42
C ASP E 125 9.00 25.83 -4.92
N TYR E 126 8.91 24.67 -4.28
CA TYR E 126 7.98 23.62 -4.69
C TYR E 126 7.94 22.58 -3.59
N PHE E 127 6.83 21.82 -3.51
CA PHE E 127 6.69 20.69 -2.60
C PHE E 127 5.91 19.51 -3.19
N SER E 128 6.12 18.34 -2.58
CA SER E 128 5.37 17.17 -2.89
C SER E 128 5.01 16.52 -1.55
N MET E 129 4.09 15.57 -1.62
CA MET E 129 3.56 14.87 -0.44
C MET E 129 3.51 13.39 -0.70
N TYR E 130 3.97 12.66 0.27
CA TYR E 130 3.85 11.19 0.36
C TYR E 130 2.48 10.88 0.89
N LEU E 131 1.79 9.94 0.24
CA LEU E 131 0.48 9.51 0.72
C LEU E 131 0.51 8.04 1.07
N SER E 132 -0.25 7.65 2.08
CA SER E 132 -0.33 6.22 2.39
C SER E 132 -1.69 5.93 3.04
N LEU E 133 -2.12 4.66 3.00
CA LEU E 133 -3.15 4.16 3.93
C LEU E 133 -2.44 4.03 5.26
N SER F 3 15.37 -3.12 -4.94
CA SER F 3 15.81 -2.48 -3.65
C SER F 3 15.21 -3.09 -2.36
N GLY F 4 15.96 -2.90 -1.29
CA GLY F 4 15.46 -3.12 0.05
C GLY F 4 14.84 -1.86 0.65
N ILE F 5 14.55 -0.84 -0.16
CA ILE F 5 13.92 0.38 0.36
C ILE F 5 12.41 0.39 0.09
N SER F 6 11.59 0.35 1.16
CA SER F 6 10.17 0.57 1.11
C SER F 6 9.75 1.79 0.25
N GLN F 7 8.73 1.66 -0.57
CA GLN F 7 8.29 2.85 -1.31
C GLN F 7 6.86 3.36 -1.01
N THR F 8 6.54 4.56 -1.49
CA THR F 8 5.32 5.26 -1.07
C THR F 8 4.85 6.05 -2.23
N VAL F 9 3.54 6.25 -2.30
CA VAL F 9 2.95 7.00 -3.37
C VAL F 9 3.40 8.44 -3.12
N ILE F 10 3.78 9.18 -4.16
CA ILE F 10 4.17 10.57 -4.00
C ILE F 10 3.50 11.35 -5.10
N VAL F 11 2.84 12.44 -4.71
CA VAL F 11 2.12 13.33 -5.56
C VAL F 11 2.77 14.68 -5.45
N GLY F 12 2.79 15.37 -6.60
CA GLY F 12 3.46 16.66 -6.73
C GLY F 12 4.55 16.49 -7.78
N PRO F 13 5.42 17.50 -7.92
CA PRO F 13 5.46 18.73 -7.13
C PRO F 13 4.46 19.83 -7.51
N TRP F 14 4.18 20.73 -6.57
CA TRP F 14 3.53 21.98 -6.97
C TRP F 14 4.50 23.10 -6.69
N GLY F 15 4.56 24.05 -7.62
CA GLY F 15 5.43 25.21 -7.53
C GLY F 15 6.27 25.32 -8.79
N ALA F 16 7.52 25.69 -8.59
CA ALA F 16 8.53 25.92 -9.64
C ALA F 16 8.98 24.66 -10.31
N LYS F 17 9.60 24.89 -11.48
CA LYS F 17 10.25 23.87 -12.32
C LYS F 17 9.29 23.16 -13.24
N GLY G 1 -26.13 15.30 -11.44
CA GLY G 1 -25.56 14.30 -12.29
C GLY G 1 -25.65 12.92 -11.66
N LYS G 2 -25.30 11.91 -12.45
CA LYS G 2 -25.33 10.52 -11.94
C LYS G 2 -23.95 10.11 -11.39
N ALA G 3 -23.89 9.80 -10.10
CA ALA G 3 -22.65 9.34 -9.48
C ALA G 3 -22.24 8.03 -10.13
N PHE G 4 -20.97 7.95 -10.41
CA PHE G 4 -20.33 6.66 -10.74
C PHE G 4 -19.07 6.44 -9.90
N ASP G 5 -18.65 5.17 -9.78
CA ASP G 5 -17.43 4.79 -9.13
C ASP G 5 -17.05 3.45 -9.77
N ASP G 6 -16.02 3.47 -10.62
CA ASP G 6 -15.54 2.23 -11.25
C ASP G 6 -14.76 1.33 -10.29
N GLY G 7 -14.25 1.92 -9.20
CA GLY G 7 -13.49 1.19 -8.21
C GLY G 7 -12.03 1.13 -8.66
N ALA G 8 -11.23 0.28 -8.00
CA ALA G 8 -9.78 0.17 -8.29
C ALA G 8 -9.37 -1.08 -9.08
N PHE G 9 -8.29 -0.94 -9.86
CA PHE G 9 -7.84 -1.93 -10.86
C PHE G 9 -6.31 -2.00 -10.88
N THR G 10 -5.73 -2.54 -11.95
CA THR G 10 -4.29 -2.75 -11.97
C THR G 10 -3.55 -1.70 -12.78
N GLY G 11 -4.28 -0.84 -13.48
CA GLY G 11 -3.68 0.10 -14.40
C GLY G 11 -4.70 0.53 -15.40
N ILE G 12 -4.25 1.41 -16.29
CA ILE G 12 -5.10 2.07 -17.25
C ILE G 12 -4.63 1.71 -18.66
N ARG G 13 -5.52 1.20 -19.48
CA ARG G 13 -5.25 0.91 -20.88
C ARG G 13 -5.76 1.98 -21.82
N GLU G 14 -6.95 2.50 -21.57
CA GLU G 14 -7.50 3.49 -22.46
C GLU G 14 -8.51 4.46 -21.80
N ILE G 15 -8.54 5.72 -22.21
CA ILE G 15 -9.59 6.62 -21.73
C ILE G 15 -10.34 7.10 -22.94
N ASN G 16 -11.66 6.91 -22.87
CA ASN G 16 -12.61 7.36 -23.87
C ASN G 16 -13.48 8.45 -23.20
N LEU G 17 -13.36 9.70 -23.68
CA LEU G 17 -14.12 10.79 -23.12
C LEU G 17 -14.81 11.59 -24.25
N SER G 18 -15.76 12.43 -23.90
CA SER G 18 -16.18 13.44 -24.90
C SER G 18 -16.11 14.83 -24.29
N TYR G 19 -16.01 15.85 -25.16
CA TYR G 19 -16.03 17.24 -24.76
C TYR G 19 -16.57 18.18 -25.87
N ASN G 20 -16.91 19.39 -25.46
CA ASN G 20 -17.34 20.43 -26.36
C ASN G 20 -16.77 21.71 -25.79
N LYS G 21 -15.96 22.37 -26.60
CA LYS G 21 -15.18 23.56 -26.15
C LYS G 21 -16.04 24.73 -25.69
N GLU G 22 -17.25 24.84 -26.23
CA GLU G 22 -18.26 25.79 -25.75
C GLU G 22 -18.80 25.46 -24.34
N THR G 23 -18.66 24.23 -23.88
CA THR G 23 -19.18 23.88 -22.59
C THR G 23 -18.12 23.14 -21.76
N ALA G 24 -18.19 21.82 -21.67
CA ALA G 24 -17.38 21.09 -20.66
C ALA G 24 -17.17 19.62 -21.07
N ILE G 25 -16.59 18.81 -20.17
CA ILE G 25 -16.40 17.37 -20.38
C ILE G 25 -17.81 16.74 -20.41
N GLY G 26 -18.05 15.77 -21.29
CA GLY G 26 -19.32 15.02 -21.36
C GLY G 26 -19.23 13.58 -20.90
N ASP G 27 -19.06 12.65 -21.84
CA ASP G 27 -18.91 11.21 -21.49
C ASP G 27 -17.59 10.84 -20.85
N PHE G 28 -17.54 9.80 -20.04
CA PHE G 28 -16.25 9.33 -19.56
C PHE G 28 -16.25 7.83 -19.42
N GLN G 29 -15.19 7.20 -19.89
CA GLN G 29 -15.15 5.72 -19.88
C GLN G 29 -13.75 5.26 -19.97
N VAL G 30 -13.43 4.17 -19.26
CA VAL G 30 -12.07 3.73 -19.14
C VAL G 30 -12.01 2.23 -19.37
N VAL G 31 -11.06 1.84 -20.19
CA VAL G 31 -10.66 0.45 -20.25
C VAL G 31 -9.49 0.33 -19.26
N TYR G 32 -9.71 -0.35 -18.15
CA TYR G 32 -8.64 -0.56 -17.16
C TYR G 32 -7.84 -1.79 -17.52
N ASP G 33 -6.65 -1.93 -16.91
CA ASP G 33 -6.05 -3.24 -16.84
C ASP G 33 -6.43 -3.93 -15.55
N LEU G 34 -6.74 -5.23 -15.64
CA LEU G 34 -6.99 -6.05 -14.44
C LEU G 34 -6.07 -7.28 -14.51
N ASN G 35 -4.97 -7.24 -13.76
CA ASN G 35 -4.05 -8.38 -13.72
C ASN G 35 -3.64 -8.83 -15.15
N GLY G 36 -3.37 -7.84 -16.01
CA GLY G 36 -2.85 -8.09 -17.40
C GLY G 36 -3.92 -8.23 -18.50
N SER G 37 -5.18 -8.25 -18.10
CA SER G 37 -6.33 -8.20 -19.03
C SER G 37 -7.14 -6.92 -19.05
N PRO G 38 -7.60 -6.49 -20.28
CA PRO G 38 -8.44 -5.30 -20.50
C PRO G 38 -9.76 -5.50 -19.74
N TYR G 39 -10.15 -4.50 -18.94
CA TYR G 39 -11.41 -4.59 -18.17
C TYR G 39 -12.21 -3.39 -18.65
N VAL G 40 -13.29 -3.64 -19.38
CA VAL G 40 -14.00 -2.55 -20.03
C VAL G 40 -14.98 -1.92 -19.03
N GLY G 41 -14.61 -0.73 -18.58
CA GLY G 41 -15.39 -0.05 -17.56
C GLY G 41 -16.70 0.43 -18.13
N GLN G 42 -17.71 0.65 -17.29
CA GLN G 42 -19.01 1.12 -17.77
C GLN G 42 -18.89 2.49 -18.42
N ASN G 43 -19.60 2.70 -19.51
CA ASN G 43 -19.58 4.00 -20.17
C ASN G 43 -20.50 5.00 -19.40
N HIS G 44 -19.90 6.07 -18.87
CA HIS G 44 -20.64 7.01 -18.04
C HIS G 44 -21.07 8.14 -18.92
N LYS G 45 -22.32 8.13 -19.31
CA LYS G 45 -22.79 9.00 -20.35
C LYS G 45 -23.38 10.28 -19.82
N SER G 46 -23.12 11.35 -20.56
CA SER G 46 -23.83 12.63 -20.38
C SER G 46 -25.32 12.48 -20.71
N PHE G 47 -26.15 13.34 -20.12
CA PHE G 47 -27.58 13.29 -20.36
C PHE G 47 -27.89 13.81 -21.76
N ILE G 48 -26.96 14.55 -22.35
CA ILE G 48 -27.21 15.18 -23.65
C ILE G 48 -26.15 14.73 -24.67
N THR G 49 -26.37 15.10 -25.95
CA THR G 49 -25.47 14.75 -27.06
C THR G 49 -24.77 16.01 -27.56
N GLY G 50 -24.00 15.84 -28.65
CA GLY G 50 -23.27 16.95 -29.32
C GLY G 50 -21.80 17.10 -28.89
N PHE G 51 -21.22 16.04 -28.31
CA PHE G 51 -19.84 16.11 -27.89
C PHE G 51 -18.86 15.58 -28.96
N THR G 52 -17.61 16.02 -28.89
CA THR G 52 -16.48 15.45 -29.67
C THR G 52 -15.84 14.27 -28.93
N PRO G 53 -15.81 13.08 -29.56
CA PRO G 53 -15.28 11.95 -28.82
C PRO G 53 -13.72 11.97 -28.89
N VAL G 54 -13.07 11.45 -27.84
CA VAL G 54 -11.60 11.33 -27.77
C VAL G 54 -11.27 9.92 -27.26
N LYS G 55 -10.29 9.26 -27.88
CA LYS G 55 -9.88 7.96 -27.34
C LYS G 55 -8.41 8.12 -27.12
N ILE G 56 -7.98 8.01 -25.86
CA ILE G 56 -6.57 7.97 -25.49
C ILE G 56 -6.13 6.49 -25.33
N SER G 57 -5.49 5.92 -26.34
CA SER G 57 -5.03 4.49 -26.22
C SER G 57 -3.57 4.45 -25.78
N LEU G 58 -3.35 4.05 -24.54
CA LEU G 58 -1.99 4.05 -24.02
C LEU G 58 -1.26 2.80 -24.42
N ASP G 59 0.04 2.93 -24.61
CA ASP G 59 0.87 1.76 -24.86
C ASP G 59 1.10 0.99 -23.48
N PHE G 60 0.05 0.36 -22.93
CA PHE G 60 0.13 -0.34 -21.60
C PHE G 60 1.03 -1.58 -21.68
N PRO G 61 1.96 -1.81 -20.72
CA PRO G 61 2.24 -1.09 -19.51
C PRO G 61 3.49 -0.20 -19.61
N SER G 62 4.09 0.00 -20.81
CA SER G 62 5.25 0.91 -20.92
C SER G 62 4.87 2.36 -20.68
N GLU G 63 3.67 2.74 -21.10
CA GLU G 63 3.11 4.11 -20.89
C GLU G 63 2.07 4.19 -19.76
N TYR G 64 2.20 5.19 -18.88
CA TYR G 64 1.24 5.43 -17.78
C TYR G 64 1.12 6.92 -17.51
N ILE G 65 -0.03 7.35 -16.99
CA ILE G 65 -0.29 8.73 -16.64
C ILE G 65 0.67 9.18 -15.52
N MET G 66 1.38 10.29 -15.78
CA MET G 66 2.16 11.02 -14.80
C MET G 66 1.50 12.29 -14.29
N GLU G 67 0.47 12.84 -14.98
CA GLU G 67 -0.28 13.97 -14.42
C GLU G 67 -1.68 14.12 -15.01
N VAL G 68 -2.64 14.43 -14.16
CA VAL G 68 -3.93 14.79 -14.69
C VAL G 68 -4.06 16.21 -14.28
N SER G 69 -4.33 17.06 -15.25
CA SER G 69 -4.68 18.42 -14.94
C SER G 69 -6.04 18.80 -15.57
N GLY G 70 -6.55 19.98 -15.23
CA GLY G 70 -7.78 20.44 -15.88
C GLY G 70 -8.33 21.73 -15.27
N TYR G 71 -9.53 22.10 -15.71
CA TYR G 71 -10.18 23.32 -15.26
C TYR G 71 -11.59 23.01 -14.90
N THR G 72 -12.03 23.61 -13.77
CA THR G 72 -13.44 23.66 -13.43
C THR G 72 -13.91 25.10 -13.65
N GLY G 73 -15.21 25.28 -13.92
CA GLY G 73 -15.82 26.60 -14.15
C GLY G 73 -17.34 26.40 -14.22
N ASN G 74 -18.05 27.51 -14.35
CA ASN G 74 -19.51 27.58 -14.51
C ASN G 74 -19.96 27.35 -15.93
N VAL G 75 -20.73 26.29 -16.15
CA VAL G 75 -21.49 26.18 -17.42
C VAL G 75 -22.98 26.13 -17.07
N SER G 76 -23.75 27.09 -17.62
CA SER G 76 -25.18 27.27 -17.35
C SER G 76 -25.50 27.25 -15.85
N GLY G 77 -24.64 27.96 -15.07
CA GLY G 77 -24.73 28.05 -13.61
C GLY G 77 -24.27 26.82 -12.83
N TYR G 78 -23.71 25.84 -13.52
CA TYR G 78 -23.21 24.65 -12.81
C TYR G 78 -21.71 24.65 -12.73
N VAL G 79 -21.14 24.32 -11.56
CA VAL G 79 -19.67 24.08 -11.50
C VAL G 79 -19.39 22.72 -12.13
N VAL G 80 -18.52 22.68 -13.14
CA VAL G 80 -18.23 21.41 -13.81
C VAL G 80 -16.77 21.32 -14.22
N VAL G 81 -16.35 20.17 -14.75
CA VAL G 81 -15.00 20.01 -15.25
C VAL G 81 -15.03 20.42 -16.72
N ARG G 82 -14.47 21.59 -17.02
CA ARG G 82 -14.52 22.17 -18.38
C ARG G 82 -13.43 21.58 -19.26
N SER G 83 -12.34 21.14 -18.65
CA SER G 83 -11.14 20.73 -19.38
C SER G 83 -10.30 19.68 -18.63
N LEU G 84 -9.64 18.81 -19.39
CA LEU G 84 -8.81 17.73 -18.85
C LEU G 84 -7.63 17.55 -19.80
N THR G 85 -6.49 17.17 -19.23
CA THR G 85 -5.23 16.92 -19.94
C THR G 85 -4.64 15.72 -19.25
N PHE G 86 -4.11 14.77 -20.01
CA PHE G 86 -3.51 13.59 -19.42
C PHE G 86 -2.11 13.52 -19.96
N LYS G 87 -1.17 13.64 -19.05
CA LYS G 87 0.23 13.57 -19.44
C LYS G 87 0.75 12.22 -19.06
N THR G 88 1.31 11.49 -20.05
CA THR G 88 2.04 10.25 -19.74
C THR G 88 3.60 10.37 -19.64
N ASN G 89 4.28 9.28 -19.32
CA ASN G 89 5.72 9.27 -19.49
C ASN G 89 6.16 9.38 -20.97
N LYS G 90 5.24 9.27 -21.94
CA LYS G 90 5.58 9.31 -23.40
C LYS G 90 5.18 10.61 -24.18
N LYS G 91 4.03 11.20 -23.88
CA LYS G 91 3.27 12.17 -24.74
C LYS G 91 2.21 12.84 -23.85
N THR G 92 1.67 13.98 -24.29
CA THR G 92 0.52 14.63 -23.58
C THR G 92 -0.73 14.56 -24.41
N TYR G 93 -1.83 14.12 -23.82
CA TYR G 93 -3.16 14.11 -24.47
C TYR G 93 -4.05 15.23 -23.89
N GLY G 94 -4.26 16.27 -24.70
CA GLY G 94 -5.11 17.39 -24.31
C GLY G 94 -4.38 18.71 -24.53
N PRO G 95 -4.91 19.82 -23.99
CA PRO G 95 -6.13 19.84 -23.20
C PRO G 95 -7.35 19.50 -24.02
N TYR G 96 -8.35 18.87 -23.39
CA TYR G 96 -9.67 18.72 -24.03
C TYR G 96 -10.60 19.65 -23.30
N GLY G 97 -11.04 20.71 -23.96
CA GLY G 97 -11.90 21.73 -23.34
C GLY G 97 -11.04 22.95 -23.06
N VAL G 98 -11.69 24.10 -22.96
CA VAL G 98 -10.98 25.36 -22.88
C VAL G 98 -10.30 25.48 -21.51
N THR G 99 -9.11 26.04 -21.51
CA THR G 99 -8.34 26.09 -20.31
C THR G 99 -8.60 27.42 -19.64
N SER G 100 -9.84 27.53 -19.18
CA SER G 100 -10.32 28.70 -18.53
C SER G 100 -11.16 28.25 -17.35
N GLY G 101 -11.10 28.98 -16.24
CA GLY G 101 -11.85 28.67 -15.03
C GLY G 101 -10.87 28.46 -13.89
N THR G 102 -11.23 27.64 -12.90
CA THR G 102 -10.27 27.30 -11.86
C THR G 102 -9.38 26.06 -12.26
N PRO G 103 -8.05 26.26 -12.42
CA PRO G 103 -7.14 25.08 -12.62
C PRO G 103 -7.01 24.09 -11.44
N PHE G 104 -6.80 22.81 -11.75
CA PHE G 104 -6.32 21.87 -10.75
C PHE G 104 -5.27 21.01 -11.48
N ASN G 105 -4.34 20.44 -10.74
CA ASN G 105 -3.42 19.47 -11.31
C ASN G 105 -2.97 18.43 -10.30
N LEU G 106 -2.90 17.19 -10.78
CA LEU G 106 -2.36 16.11 -9.98
C LEU G 106 -1.20 15.44 -10.67
N PRO G 107 0.04 15.91 -10.38
CA PRO G 107 1.31 15.34 -10.79
C PRO G 107 1.65 14.17 -9.89
N ILE G 108 2.18 13.14 -10.51
CA ILE G 108 2.56 11.95 -9.76
C ILE G 108 4.06 11.69 -9.88
N GLU G 109 4.79 11.67 -8.74
CA GLU G 109 6.22 11.34 -8.77
C GLU G 109 6.45 9.86 -8.65
N ASN G 110 5.53 9.20 -7.95
CA ASN G 110 5.63 7.76 -7.73
C ASN G 110 4.25 7.15 -7.46
N GLY G 111 3.91 6.12 -8.23
CA GLY G 111 2.59 5.51 -8.19
C GLY G 111 1.80 5.62 -9.47
N LEU G 112 0.56 5.13 -9.39
CA LEU G 112 -0.29 4.85 -10.56
C LEU G 112 -1.72 5.19 -10.26
N ILE G 113 -2.32 5.93 -11.16
CA ILE G 113 -3.74 6.05 -11.17
C ILE G 113 -4.33 4.70 -11.58
N VAL G 114 -5.24 4.19 -10.74
CA VAL G 114 -5.81 2.86 -10.96
C VAL G 114 -7.32 2.77 -11.05
N GLY G 115 -8.00 3.93 -11.03
CA GLY G 115 -9.46 3.94 -10.98
C GLY G 115 -10.02 5.36 -10.99
N PHE G 116 -11.25 5.53 -11.48
CA PHE G 116 -11.92 6.82 -11.43
C PHE G 116 -13.29 6.67 -10.82
N LYS G 117 -13.76 7.77 -10.22
CA LYS G 117 -15.09 7.90 -9.77
C LYS G 117 -15.52 9.34 -9.99
N GLY G 118 -16.82 9.63 -9.84
CA GLY G 118 -17.22 11.02 -10.09
C GLY G 118 -18.71 11.12 -10.29
N SER G 119 -19.14 12.17 -10.94
CA SER G 119 -20.55 12.37 -11.23
C SER G 119 -20.68 13.07 -12.60
N ILE G 120 -21.61 12.61 -13.42
CA ILE G 120 -21.89 13.24 -14.70
C ILE G 120 -23.43 13.52 -14.94
N GLY G 121 -23.72 14.80 -15.26
CA GLY G 121 -25.05 15.31 -15.56
C GLY G 121 -25.08 15.54 -17.04
N TYR G 122 -25.39 16.78 -17.40
CA TYR G 122 -25.10 17.29 -18.74
C TYR G 122 -23.57 17.22 -18.98
N TRP G 123 -22.82 17.51 -17.90
CA TRP G 123 -21.35 17.55 -17.92
C TRP G 123 -20.79 16.80 -16.77
N LEU G 124 -19.51 16.55 -16.87
CA LEU G 124 -18.72 15.98 -15.76
C LEU G 124 -18.78 16.93 -14.53
N ASP G 125 -19.44 16.53 -13.45
CA ASP G 125 -19.64 17.45 -12.34
C ASP G 125 -18.35 17.54 -11.51
N TYR G 126 -17.81 16.37 -11.18
CA TYR G 126 -16.59 16.26 -10.40
C TYR G 126 -16.02 14.87 -10.61
N PHE G 127 -14.78 14.65 -10.16
CA PHE G 127 -14.21 13.33 -10.22
C PHE G 127 -13.05 13.09 -9.22
N SER G 128 -12.83 11.82 -8.88
CA SER G 128 -11.69 11.45 -8.06
C SER G 128 -10.89 10.31 -8.67
N MET G 129 -9.67 10.12 -8.16
CA MET G 129 -8.79 9.05 -8.64
C MET G 129 -8.26 8.14 -7.54
N TYR G 130 -8.41 6.83 -7.76
CA TYR G 130 -7.76 5.80 -6.94
C TYR G 130 -6.29 5.80 -7.27
N LEU G 131 -5.41 5.85 -6.26
CA LEU G 131 -3.98 5.74 -6.52
C LEU G 131 -3.43 4.50 -5.84
N SER G 132 -2.45 3.88 -6.48
CA SER G 132 -1.78 2.74 -5.88
C SER G 132 -0.30 2.75 -6.31
N LEU G 133 0.51 2.11 -5.47
CA LEU G 133 1.81 1.64 -5.92
C LEU G 133 1.47 0.50 -6.86
N SER H 3 -13.50 -5.63 8.45
CA SER H 3 -14.06 -5.77 7.06
C SER H 3 -13.18 -6.44 6.02
N GLY H 4 -13.86 -7.14 5.11
CA GLY H 4 -13.23 -7.97 4.12
C GLY H 4 -12.89 -7.24 2.83
N ILE H 5 -13.17 -5.93 2.75
CA ILE H 5 -13.02 -5.15 1.52
C ILE H 5 -11.70 -4.41 1.53
N SER H 6 -10.85 -4.70 0.56
CA SER H 6 -9.55 -4.04 0.50
C SER H 6 -9.64 -2.52 0.30
N GLN H 7 -8.61 -1.80 0.77
CA GLN H 7 -8.59 -0.32 0.72
C GLN H 7 -7.57 0.24 -0.30
N THR H 8 -7.85 1.43 -0.85
CA THR H 8 -6.98 2.15 -1.78
C THR H 8 -6.95 3.68 -1.49
N VAL H 9 -5.79 4.33 -1.60
CA VAL H 9 -5.76 5.78 -1.53
C VAL H 9 -6.71 6.41 -2.60
N ILE H 10 -7.50 7.43 -2.23
CA ILE H 10 -8.26 8.22 -3.23
C ILE H 10 -8.07 9.72 -3.01
N VAL H 11 -7.65 10.42 -4.09
CA VAL H 11 -7.48 11.86 -4.11
C VAL H 11 -8.62 12.52 -4.89
N GLY H 12 -9.07 13.70 -4.46
CA GLY H 12 -10.24 14.33 -5.06
C GLY H 12 -11.28 14.57 -4.00
N PRO H 13 -12.46 15.13 -4.39
CA PRO H 13 -12.89 15.42 -5.75
C PRO H 13 -12.45 16.82 -6.22
N TRP H 14 -12.28 16.95 -7.53
CA TRP H 14 -12.17 18.22 -8.23
C TRP H 14 -13.46 18.47 -9.00
N GLY H 15 -13.96 19.72 -9.03
CA GLY H 15 -15.24 20.04 -9.71
C GLY H 15 -16.24 20.55 -8.68
N ALA H 16 -17.52 20.20 -8.80
CA ALA H 16 -18.58 20.74 -7.93
C ALA H 16 -18.58 20.08 -6.59
N LYS H 17 -19.22 20.72 -5.58
CA LYS H 17 -19.53 20.08 -4.28
C LYS H 17 -20.29 18.74 -4.49
#